data_3ICW
#
_entry.id   3ICW
#
_cell.length_a   111.746
_cell.length_b   111.746
_cell.length_c   54.806
_cell.angle_alpha   90.00
_cell.angle_beta   90.00
_cell.angle_gamma   120.00
#
_symmetry.space_group_name_H-M   'P 32 2 1'
#
loop_
_entity.id
_entity.type
_entity.pdbx_description
1 polymer 'Lipase B'
2 non-polymer 2-acetamido-2-deoxy-beta-D-glucopyranose
3 non-polymer 'PHOSPHATE ION'
4 non-polymer 'methyl hydrogen (R)-hexylphosphonate'
5 water water
#
_entity_poly.entity_id   1
_entity_poly.type   'polypeptide(L)'
_entity_poly.pdbx_seq_one_letter_code
;AAIVAGPKQNCEPDLMPYARPFAVGKRTCSGIVGLPSGSDPAFSQPKSVLDAGLTCQGASPSSVSKPILLVPGTGTTGPQ
SFDSNWIPLSAQLGYTPCWISPPPFMLNDTQVNTEYMVNAITTLYAGSGNNKLPVLTWSQGGLVAQWGLTFFPSIRSKVD
RLMAFAPDYKGTVLAGPLDALAVSAPSVWQQTTGSALTTALRNAGGLTQIVPTTNLYSATDEIVQPQVSNSPLDSSYLFN
GKNVQAQAVCGPLFVIDHAGSLTSQFSYVVGRSALRSTTGQARSADYGITDCNPLPANDLTPEQKVAAAALLAPAA
;
_entity_poly.pdbx_strand_id   A
#
# COMPACT_ATOMS: atom_id res chain seq x y z
N ALA A 1 -26.58 43.84 -15.59
CA ALA A 1 -27.79 43.43 -16.35
C ALA A 1 -27.53 43.47 -17.85
N ALA A 2 -26.25 43.58 -18.22
CA ALA A 2 -25.86 43.63 -19.63
C ALA A 2 -24.75 42.61 -19.90
N ILE A 3 -24.24 42.61 -21.13
CA ILE A 3 -23.17 41.70 -21.56
C ILE A 3 -22.37 41.15 -20.39
N VAL A 4 -22.02 39.88 -20.44
CA VAL A 4 -21.27 39.26 -19.35
C VAL A 4 -20.48 38.01 -19.73
N ALA A 5 -20.58 37.58 -20.98
CA ALA A 5 -19.83 36.40 -21.42
C ALA A 5 -18.37 36.61 -21.01
N GLY A 6 -18.06 37.86 -20.66
CA GLY A 6 -16.72 38.25 -20.24
C GLY A 6 -15.98 37.26 -19.36
N PRO A 7 -16.35 37.14 -18.07
CA PRO A 7 -15.68 36.21 -17.15
C PRO A 7 -15.02 35.04 -17.86
N LYS A 8 -13.71 35.16 -18.07
CA LYS A 8 -12.94 34.13 -18.75
C LYS A 8 -11.64 33.88 -18.00
N GLN A 9 -11.41 32.63 -17.61
CA GLN A 9 -10.21 32.25 -16.90
C GLN A 9 -9.49 31.12 -17.64
N ASN A 10 -8.30 30.79 -17.17
CA ASN A 10 -7.51 29.73 -17.78
C ASN A 10 -7.37 28.57 -16.81
N CYS A 11 -8.16 28.61 -15.73
CA CYS A 11 -8.13 27.58 -14.70
C CYS A 11 -9.48 27.48 -14.00
N GLU A 12 -9.73 26.33 -13.38
CA GLU A 12 -10.97 26.13 -12.64
C GLU A 12 -10.81 26.81 -11.28
N PRO A 13 -11.84 27.54 -10.83
CA PRO A 13 -11.77 28.22 -9.53
C PRO A 13 -11.41 27.26 -8.41
N ASP A 14 -10.71 27.75 -7.40
CA ASP A 14 -10.34 26.90 -6.27
C ASP A 14 -11.60 26.53 -5.51
N LEU A 15 -11.62 25.33 -4.94
CA LEU A 15 -12.75 24.90 -4.15
C LEU A 15 -12.65 25.54 -2.79
N MET A 16 -13.80 25.81 -2.18
N MET A 16 -13.79 25.85 -2.19
CA MET A 16 -13.87 26.41 -0.86
CA MET A 16 -13.78 26.45 -0.87
C MET A 16 -13.39 25.37 0.15
C MET A 16 -13.34 25.39 0.12
N PRO A 17 -12.84 25.81 1.29
CA PRO A 17 -12.36 24.88 2.32
C PRO A 17 -13.28 23.69 2.63
N TYR A 18 -14.59 23.95 2.69
CA TYR A 18 -15.53 22.89 3.00
C TYR A 18 -15.63 21.75 1.97
N ALA A 19 -15.22 22.02 0.73
CA ALA A 19 -15.31 21.01 -0.32
C ALA A 19 -13.96 20.46 -0.78
N ARG A 20 -12.90 21.15 -0.41
CA ARG A 20 -11.55 20.77 -0.81
C ARG A 20 -11.15 19.32 -0.50
N PRO A 21 -11.58 18.78 0.66
CA PRO A 21 -11.23 17.40 1.00
C PRO A 21 -11.83 16.36 0.07
N PHE A 22 -12.83 16.78 -0.70
CA PHE A 22 -13.52 15.87 -1.60
C PHE A 22 -13.03 15.89 -3.05
N ALA A 23 -11.97 16.65 -3.32
CA ALA A 23 -11.45 16.71 -4.68
C ALA A 23 -9.93 16.55 -4.73
N VAL A 24 -9.39 15.75 -3.82
CA VAL A 24 -7.95 15.52 -3.78
C VAL A 24 -7.45 14.98 -5.11
N GLY A 25 -6.35 15.56 -5.60
CA GLY A 25 -5.79 15.11 -6.86
C GLY A 25 -6.18 15.94 -8.06
N LYS A 26 -7.23 16.73 -7.93
CA LYS A 26 -7.70 17.57 -9.04
C LYS A 26 -6.97 18.91 -9.06
N ARG A 27 -6.87 19.50 -10.24
CA ARG A 27 -6.19 20.78 -10.39
C ARG A 27 -7.11 21.98 -10.54
N THR A 28 -6.88 22.99 -9.71
CA THR A 28 -7.64 24.23 -9.77
C THR A 28 -6.61 25.33 -9.95
N CYS A 29 -7.05 26.59 -9.96
CA CYS A 29 -6.13 27.71 -10.15
C CYS A 29 -4.88 27.69 -9.27
N SER A 30 -5.03 27.35 -7.99
CA SER A 30 -3.89 27.32 -7.09
C SER A 30 -2.99 26.10 -7.27
N GLY A 31 -3.45 25.13 -8.05
CA GLY A 31 -2.67 23.93 -8.28
C GLY A 31 -3.42 22.66 -7.96
N ILE A 32 -2.68 21.57 -7.77
CA ILE A 32 -3.27 20.27 -7.44
C ILE A 32 -3.73 20.26 -5.99
N VAL A 33 -4.98 19.87 -5.78
CA VAL A 33 -5.54 19.79 -4.43
C VAL A 33 -4.88 18.64 -3.70
N GLY A 34 -4.24 18.95 -2.57
CA GLY A 34 -3.59 17.91 -1.79
C GLY A 34 -4.44 17.39 -0.66
N LEU A 35 -3.99 16.31 -0.04
CA LEU A 35 -4.71 15.71 1.07
C LEU A 35 -4.71 16.64 2.28
N PRO A 36 -5.78 16.58 3.09
CA PRO A 36 -5.85 17.43 4.29
C PRO A 36 -4.62 17.10 5.14
N SER A 37 -4.10 18.07 5.88
CA SER A 37 -2.92 17.82 6.70
C SER A 37 -3.04 18.21 8.16
N GLY A 38 -4.21 18.03 8.75
CA GLY A 38 -4.40 18.36 10.14
C GLY A 38 -3.78 17.32 11.06
N SER A 39 -4.25 17.27 12.30
CA SER A 39 -3.73 16.32 13.27
C SER A 39 -4.21 14.90 12.96
N ASP A 40 -3.49 13.91 13.48
CA ASP A 40 -3.84 12.51 13.28
C ASP A 40 -5.10 12.14 14.04
N PRO A 41 -5.96 11.31 13.44
CA PRO A 41 -7.17 10.92 14.16
C PRO A 41 -6.70 10.17 15.41
N ALA A 42 -7.49 10.17 16.47
CA ALA A 42 -7.11 9.48 17.69
C ALA A 42 -7.26 7.97 17.52
N PHE A 43 -6.43 7.20 18.23
CA PHE A 43 -6.49 5.75 18.17
C PHE A 43 -7.59 5.25 19.08
N SER A 44 -8.27 4.18 18.68
CA SER A 44 -9.33 3.61 19.49
C SER A 44 -8.72 2.58 20.45
N GLN A 45 -7.52 2.13 20.12
CA GLN A 45 -6.81 1.15 20.94
C GLN A 45 -5.69 1.79 21.74
N PRO A 46 -5.42 1.28 22.95
CA PRO A 46 -4.34 1.83 23.78
C PRO A 46 -3.03 1.60 23.04
N LYS A 47 -2.09 2.52 23.15
CA LYS A 47 -0.81 2.35 22.46
C LYS A 47 -0.09 1.07 22.86
N SER A 48 -0.22 0.65 24.12
CA SER A 48 0.44 -0.57 24.58
C SER A 48 -0.12 -1.80 23.85
N VAL A 49 -1.39 -1.73 23.45
CA VAL A 49 -2.01 -2.82 22.74
C VAL A 49 -1.48 -2.85 21.31
N LEU A 50 -1.31 -1.67 20.72
CA LEU A 50 -0.80 -1.56 19.36
C LEU A 50 0.66 -2.02 19.32
N ASP A 51 1.42 -1.67 20.36
CA ASP A 51 2.83 -2.06 20.42
C ASP A 51 3.00 -3.59 20.49
N ALA A 52 2.04 -4.26 21.13
CA ALA A 52 2.10 -5.71 21.27
C ALA A 52 2.03 -6.42 19.92
N GLY A 53 1.50 -5.71 18.92
CA GLY A 53 1.39 -6.30 17.60
C GLY A 53 2.58 -6.09 16.67
N LEU A 54 3.60 -5.38 17.15
CA LEU A 54 4.78 -5.09 16.35
C LEU A 54 6.02 -5.88 16.77
N THR A 55 6.69 -6.49 15.79
CA THR A 55 7.89 -7.28 16.05
C THR A 55 8.94 -7.13 14.96
N CYS A 56 10.22 -7.10 15.33
CA CYS A 56 11.31 -7.03 14.37
C CYS A 56 12.19 -8.25 14.62
N GLN A 57 12.81 -8.76 13.55
CA GLN A 57 13.67 -9.93 13.69
C GLN A 57 15.08 -9.56 14.12
N GLY A 58 15.46 -10.01 15.32
CA GLY A 58 16.79 -9.74 15.84
C GLY A 58 17.04 -8.33 16.34
N ALA A 59 15.96 -7.62 16.70
CA ALA A 59 16.11 -6.25 17.18
C ALA A 59 14.81 -5.71 17.74
N SER A 60 14.92 -4.60 18.48
CA SER A 60 13.75 -3.95 19.05
C SER A 60 13.33 -2.85 18.08
N PRO A 61 12.02 -2.65 17.91
CA PRO A 61 11.52 -1.60 17.01
C PRO A 61 11.96 -0.19 17.43
N SER A 62 12.29 -0.05 18.72
N SER A 62 12.29 -0.04 18.72
CA SER A 62 12.72 1.23 19.27
CA SER A 62 12.71 1.25 19.24
C SER A 62 14.18 1.56 18.96
C SER A 62 14.18 1.57 18.96
N SER A 63 14.94 0.57 18.52
CA SER A 63 16.35 0.76 18.19
C SER A 63 16.68 -0.27 17.12
N VAL A 64 16.40 0.08 15.86
CA VAL A 64 16.62 -0.82 14.75
C VAL A 64 17.31 -0.18 13.55
N SER A 65 18.13 -0.98 12.87
CA SER A 65 18.87 -0.53 11.70
C SER A 65 18.18 -0.93 10.39
N LYS A 66 17.99 0.06 9.50
CA LYS A 66 17.37 -0.17 8.20
C LYS A 66 16.13 -1.06 8.25
N PRO A 67 15.11 -0.65 9.01
CA PRO A 67 13.92 -1.49 9.07
C PRO A 67 13.04 -1.42 7.83
N ILE A 68 12.28 -2.49 7.61
CA ILE A 68 11.32 -2.55 6.52
C ILE A 68 10.07 -3.09 7.25
N LEU A 69 8.93 -2.44 7.05
CA LEU A 69 7.72 -2.88 7.71
C LEU A 69 6.89 -3.72 6.76
N LEU A 70 6.60 -4.95 7.18
CA LEU A 70 5.81 -5.89 6.39
C LEU A 70 4.40 -5.95 6.97
N VAL A 71 3.39 -5.74 6.11
CA VAL A 71 2.00 -5.78 6.56
C VAL A 71 1.33 -6.98 5.88
N PRO A 72 0.88 -7.95 6.68
CA PRO A 72 0.23 -9.18 6.22
C PRO A 72 -1.16 -9.13 5.59
N GLY A 73 -1.56 -10.25 5.01
CA GLY A 73 -2.86 -10.35 4.37
C GLY A 73 -3.93 -10.83 5.34
N THR A 74 -5.18 -10.75 4.90
CA THR A 74 -6.32 -11.17 5.71
C THR A 74 -6.18 -12.63 6.12
N GLY A 75 -6.51 -12.93 7.37
CA GLY A 75 -6.44 -14.29 7.87
C GLY A 75 -5.05 -14.82 8.19
N THR A 76 -4.08 -13.92 8.34
CA THR A 76 -2.71 -14.34 8.65
C THR A 76 -2.01 -13.38 9.60
N THR A 77 -0.88 -13.84 10.12
CA THR A 77 -0.04 -13.03 10.99
C THR A 77 1.13 -12.65 10.10
N GLY A 78 2.00 -11.76 10.59
CA GLY A 78 3.16 -11.38 9.82
C GLY A 78 3.98 -12.60 9.46
N PRO A 79 4.34 -13.45 10.44
CA PRO A 79 5.12 -14.65 10.13
C PRO A 79 4.46 -15.59 9.13
N GLN A 80 3.16 -15.81 9.25
CA GLN A 80 2.48 -16.70 8.33
C GLN A 80 2.55 -16.16 6.89
N SER A 81 2.43 -14.85 6.74
CA SER A 81 2.49 -14.25 5.42
C SER A 81 3.89 -14.19 4.82
N PHE A 82 4.90 -13.85 5.65
CA PHE A 82 6.23 -13.59 5.13
C PHE A 82 7.42 -14.51 5.56
N ASP A 83 7.22 -15.46 6.47
N ASP A 83 7.26 -15.45 6.49
CA ASP A 83 8.30 -16.35 6.91
CA ASP A 83 8.42 -16.26 6.88
C ASP A 83 9.02 -17.06 5.77
C ASP A 83 9.05 -17.06 5.74
N SER A 84 8.26 -17.48 4.77
CA SER A 84 8.81 -18.23 3.64
C SER A 84 9.28 -17.33 2.53
N ASN A 85 9.10 -16.02 2.69
CA ASN A 85 9.49 -15.12 1.63
C ASN A 85 10.18 -13.81 2.00
N TRP A 86 9.42 -12.73 2.14
CA TRP A 86 10.04 -11.45 2.42
C TRP A 86 10.77 -11.20 3.73
N ILE A 87 10.58 -12.05 4.73
CA ILE A 87 11.33 -11.84 5.96
C ILE A 87 12.78 -12.22 5.62
N PRO A 88 13.02 -13.46 5.15
CA PRO A 88 14.42 -13.77 4.83
C PRO A 88 14.95 -13.05 3.59
N LEU A 89 14.09 -12.76 2.61
CA LEU A 89 14.53 -12.06 1.41
C LEU A 89 14.96 -10.62 1.70
N SER A 90 14.23 -9.93 2.57
CA SER A 90 14.58 -8.56 2.90
C SER A 90 15.85 -8.52 3.75
N ALA A 91 16.03 -9.53 4.62
CA ALA A 91 17.21 -9.60 5.47
C ALA A 91 18.44 -9.75 4.57
N GLN A 92 18.29 -10.55 3.52
CA GLN A 92 19.37 -10.78 2.55
C GLN A 92 19.71 -9.50 1.80
N LEU A 93 18.73 -8.60 1.65
CA LEU A 93 18.94 -7.34 0.96
C LEU A 93 19.53 -6.27 1.88
N GLY A 94 19.75 -6.64 3.14
CA GLY A 94 20.32 -5.69 4.10
C GLY A 94 19.38 -4.99 5.06
N TYR A 95 18.10 -5.36 5.04
CA TYR A 95 17.12 -4.74 5.94
C TYR A 95 16.91 -5.58 7.19
N THR A 96 16.30 -4.97 8.19
CA THR A 96 15.94 -5.69 9.41
C THR A 96 14.43 -5.86 9.21
N PRO A 97 13.97 -7.10 9.03
CA PRO A 97 12.54 -7.36 8.83
C PRO A 97 11.72 -7.08 10.08
N CYS A 98 10.66 -6.30 9.92
CA CYS A 98 9.75 -5.99 11.02
C CYS A 98 8.35 -6.22 10.45
N TRP A 99 7.40 -6.51 11.32
CA TRP A 99 6.05 -6.75 10.84
C TRP A 99 5.02 -6.53 11.95
N ILE A 100 3.77 -6.36 11.55
CA ILE A 100 2.70 -6.22 12.51
C ILE A 100 1.79 -7.42 12.32
N SER A 101 1.18 -7.88 13.40
CA SER A 101 0.25 -9.00 13.34
C SER A 101 -1.01 -8.61 14.09
N PRO A 102 -1.81 -7.69 13.51
CA PRO A 102 -3.05 -7.23 14.14
C PRO A 102 -3.96 -8.41 14.43
N PRO A 103 -4.43 -8.52 15.69
CA PRO A 103 -5.30 -9.62 16.07
C PRO A 103 -6.77 -9.31 15.74
N PRO A 104 -7.56 -10.34 15.39
CA PRO A 104 -7.16 -11.73 15.27
C PRO A 104 -6.91 -12.08 13.80
N PHE A 105 -5.65 -12.30 13.46
CA PHE A 105 -5.27 -12.65 12.08
C PHE A 105 -5.81 -11.69 11.02
N MET A 106 -5.76 -10.39 11.30
CA MET A 106 -6.23 -9.37 10.36
C MET A 106 -7.71 -9.49 9.99
N LEU A 107 -8.46 -10.22 10.78
CA LEU A 107 -9.89 -10.41 10.50
C LEU A 107 -10.76 -9.30 11.04
N ASN A 108 -10.21 -8.53 11.98
CA ASN A 108 -10.96 -7.43 12.58
C ASN A 108 -10.93 -6.16 11.76
N ASP A 109 -11.75 -5.19 12.19
CA ASP A 109 -11.89 -3.88 11.57
C ASP A 109 -10.59 -3.35 10.94
N THR A 110 -10.60 -3.18 9.62
CA THR A 110 -9.44 -2.68 8.88
C THR A 110 -8.95 -1.34 9.43
N GLN A 111 -9.86 -0.53 9.95
CA GLN A 111 -9.49 0.77 10.50
C GLN A 111 -8.64 0.57 11.74
N VAL A 112 -8.90 -0.50 12.48
CA VAL A 112 -8.12 -0.80 13.67
C VAL A 112 -6.79 -1.39 13.22
N ASN A 113 -6.82 -2.26 12.21
CA ASN A 113 -5.58 -2.86 11.72
C ASN A 113 -4.64 -1.74 11.30
N THR A 114 -5.20 -0.67 10.74
CA THR A 114 -4.38 0.46 10.29
C THR A 114 -3.70 1.15 11.46
N GLU A 115 -4.35 1.16 12.62
CA GLU A 115 -3.75 1.78 13.81
C GLU A 115 -2.43 1.08 14.12
N TYR A 116 -2.39 -0.23 13.97
CA TYR A 116 -1.17 -0.98 14.22
C TYR A 116 -0.06 -0.52 13.28
N MET A 117 -0.42 -0.29 12.02
CA MET A 117 0.59 0.16 11.06
C MET A 117 1.06 1.57 11.32
N VAL A 118 0.13 2.48 11.61
CA VAL A 118 0.50 3.87 11.87
C VAL A 118 1.44 3.92 13.08
N ASN A 119 1.05 3.24 14.16
CA ASN A 119 1.89 3.21 15.36
C ASN A 119 3.26 2.61 15.02
N ALA A 120 3.26 1.54 14.23
CA ALA A 120 4.52 0.89 13.85
C ALA A 120 5.43 1.82 13.08
N ILE A 121 4.87 2.58 12.13
CA ILE A 121 5.68 3.50 11.36
C ILE A 121 6.26 4.60 12.25
N THR A 122 5.43 5.12 13.15
CA THR A 122 5.88 6.15 14.08
C THR A 122 7.05 5.62 14.89
N THR A 123 6.90 4.39 15.39
CA THR A 123 7.93 3.74 16.18
C THR A 123 9.22 3.47 15.42
N LEU A 124 9.12 2.84 14.26
CA LEU A 124 10.29 2.50 13.46
C LEU A 124 11.01 3.70 12.88
N TYR A 125 10.27 4.77 12.60
CA TYR A 125 10.88 5.98 12.06
C TYR A 125 11.85 6.51 13.11
N ALA A 126 11.35 6.68 14.33
CA ALA A 126 12.16 7.17 15.43
C ALA A 126 13.22 6.13 15.80
N GLY A 127 12.82 4.88 15.84
CA GLY A 127 13.72 3.80 16.19
C GLY A 127 14.92 3.65 15.28
N SER A 128 14.81 4.12 14.04
CA SER A 128 15.92 4.02 13.09
C SER A 128 16.68 5.33 12.95
N GLY A 129 16.49 6.22 13.92
CA GLY A 129 17.16 7.51 13.91
C GLY A 129 16.44 8.57 13.11
N ASN A 130 15.11 8.53 13.13
CA ASN A 130 14.29 9.48 12.39
C ASN A 130 14.60 9.44 10.90
N ASN A 131 14.55 8.24 10.33
CA ASN A 131 14.80 8.02 8.91
C ASN A 131 13.59 7.33 8.30
N LYS A 132 13.24 7.73 7.07
CA LYS A 132 12.11 7.12 6.39
C LYS A 132 12.39 5.64 6.18
N LEU A 133 11.33 4.83 6.11
CA LEU A 133 11.48 3.40 5.89
C LEU A 133 10.50 2.91 4.85
N PRO A 134 10.82 1.80 4.18
CA PRO A 134 9.92 1.26 3.17
C PRO A 134 8.88 0.37 3.83
N VAL A 135 7.71 0.26 3.18
CA VAL A 135 6.62 -0.58 3.67
C VAL A 135 6.31 -1.55 2.54
N LEU A 136 6.24 -2.84 2.87
CA LEU A 136 5.96 -3.86 1.87
C LEU A 136 4.73 -4.62 2.36
N THR A 137 3.77 -4.81 1.46
CA THR A 137 2.52 -5.42 1.88
C THR A 137 1.98 -6.49 0.95
N TRP A 138 1.00 -7.23 1.47
CA TRP A 138 0.35 -8.27 0.68
C TRP A 138 -1.15 -8.17 0.94
N SER A 139 -1.92 -8.16 -0.15
CA SER A 139 -3.38 -8.10 -0.07
C SER A 139 -3.94 -6.97 0.81
N GLN A 140 -4.75 -7.29 1.83
CA GLN A 140 -5.31 -6.25 2.70
C GLN A 140 -4.21 -5.33 3.26
N GLY A 141 -2.98 -5.84 3.35
CA GLY A 141 -1.90 -5.03 3.86
C GLY A 141 -1.72 -3.74 3.07
N GLY A 142 -1.94 -3.82 1.76
CA GLY A 142 -1.82 -2.65 0.90
C GLY A 142 -2.96 -1.68 1.15
N LEU A 143 -4.15 -2.22 1.34
CA LEU A 143 -5.33 -1.40 1.61
C LEU A 143 -5.09 -0.65 2.92
N VAL A 144 -4.50 -1.35 3.89
CA VAL A 144 -4.19 -0.77 5.19
C VAL A 144 -3.16 0.36 5.04
N ALA A 145 -2.13 0.11 4.24
CA ALA A 145 -1.08 1.09 4.03
C ALA A 145 -1.64 2.37 3.42
N GLN A 146 -2.46 2.22 2.39
CA GLN A 146 -3.04 3.38 1.73
C GLN A 146 -4.08 4.08 2.62
N TRP A 147 -4.82 3.31 3.42
CA TRP A 147 -5.81 3.91 4.32
C TRP A 147 -5.05 4.76 5.34
N GLY A 148 -3.94 4.23 5.84
CA GLY A 148 -3.14 4.95 6.81
C GLY A 148 -2.58 6.24 6.24
N LEU A 149 -2.00 6.15 5.04
CA LEU A 149 -1.42 7.30 4.37
C LEU A 149 -2.46 8.36 4.03
N THR A 150 -3.68 7.92 3.76
CA THR A 150 -4.76 8.84 3.40
C THR A 150 -5.31 9.60 4.61
N PHE A 151 -5.52 8.89 5.72
CA PHE A 151 -6.13 9.52 6.90
C PHE A 151 -5.24 9.91 8.08
N PHE A 152 -3.97 9.53 8.06
CA PHE A 152 -3.04 9.87 9.14
C PHE A 152 -1.86 10.63 8.53
N PRO A 153 -1.98 11.96 8.44
CA PRO A 153 -0.94 12.84 7.87
C PRO A 153 0.49 12.67 8.38
N SER A 154 0.66 12.38 9.66
CA SER A 154 1.99 12.27 10.24
C SER A 154 2.92 11.23 9.61
N ILE A 155 2.38 10.15 9.09
CA ILE A 155 3.24 9.11 8.51
C ILE A 155 3.60 9.32 7.04
N ARG A 156 2.98 10.29 6.38
CA ARG A 156 3.28 10.53 4.97
C ARG A 156 4.74 10.88 4.73
N SER A 157 5.36 11.55 5.69
CA SER A 157 6.77 11.92 5.56
C SER A 157 7.71 10.93 6.23
N LYS A 158 7.15 9.83 6.73
N LYS A 158 7.15 9.83 6.74
CA LYS A 158 7.95 8.82 7.41
CA LYS A 158 7.96 8.81 7.41
C LYS A 158 8.07 7.53 6.60
C LYS A 158 8.09 7.54 6.58
N VAL A 159 7.27 7.43 5.54
CA VAL A 159 7.29 6.25 4.65
C VAL A 159 8.02 6.67 3.38
N ASP A 160 9.14 6.02 3.06
N ASP A 160 9.12 5.97 3.11
CA ASP A 160 9.85 6.41 1.85
CA ASP A 160 9.98 6.21 1.96
C ASP A 160 9.26 5.81 0.58
C ASP A 160 9.38 5.75 0.63
N ARG A 161 8.70 4.61 0.68
CA ARG A 161 8.09 4.00 -0.50
C ARG A 161 7.17 2.86 -0.08
N LEU A 162 6.29 2.46 -0.99
CA LEU A 162 5.35 1.38 -0.74
C LEU A 162 5.45 0.34 -1.87
N MET A 163 5.68 -0.92 -1.50
CA MET A 163 5.77 -2.02 -2.46
C MET A 163 4.61 -2.93 -2.07
N ALA A 164 3.52 -2.84 -2.84
CA ALA A 164 2.33 -3.62 -2.53
C ALA A 164 2.10 -4.76 -3.49
N PHE A 165 1.97 -5.97 -2.96
CA PHE A 165 1.72 -7.15 -3.77
C PHE A 165 0.24 -7.50 -3.66
N ALA A 166 -0.42 -7.60 -4.81
CA ALA A 166 -1.85 -7.92 -4.88
C ALA A 166 -2.74 -7.08 -3.95
N PRO A 167 -2.53 -5.76 -3.88
CA PRO A 167 -3.36 -4.92 -3.02
C PRO A 167 -4.80 -4.82 -3.52
N ASP A 168 -5.76 -4.85 -2.60
CA ASP A 168 -7.17 -4.74 -3.00
C ASP A 168 -7.75 -3.37 -2.63
N TYR A 169 -7.26 -2.32 -3.29
CA TYR A 169 -7.74 -0.96 -2.98
C TYR A 169 -9.21 -0.76 -3.28
N LYS A 170 -9.73 -1.51 -4.25
CA LYS A 170 -11.16 -1.43 -4.60
C LYS A 170 -11.89 -2.62 -3.99
N GLY A 171 -11.19 -3.38 -3.16
CA GLY A 171 -11.79 -4.55 -2.55
C GLY A 171 -11.83 -5.66 -3.59
N THR A 172 -12.74 -6.61 -3.43
CA THR A 172 -12.85 -7.70 -4.39
C THR A 172 -14.32 -8.06 -4.59
N VAL A 173 -14.67 -8.46 -5.81
CA VAL A 173 -16.05 -8.84 -6.13
C VAL A 173 -16.27 -10.31 -5.83
N LEU A 174 -15.19 -11.01 -5.51
CA LEU A 174 -15.28 -12.43 -5.20
C LEU A 174 -15.64 -12.67 -3.73
N ALA A 175 -16.04 -11.61 -3.04
CA ALA A 175 -16.42 -11.70 -1.64
C ALA A 175 -17.94 -11.68 -1.49
N SER A 184 -19.68 -13.08 8.08
CA SER A 184 -18.33 -12.85 7.58
C SER A 184 -17.52 -12.03 8.57
N ALA A 185 -16.20 -12.16 8.49
CA ALA A 185 -15.31 -11.42 9.38
C ALA A 185 -15.44 -9.94 9.05
N PRO A 186 -15.23 -9.06 10.05
CA PRO A 186 -15.32 -7.61 9.83
C PRO A 186 -14.55 -7.11 8.61
N SER A 187 -13.27 -7.45 8.52
N SER A 187 -13.27 -7.45 8.52
CA SER A 187 -12.45 -7.00 7.40
CA SER A 187 -12.44 -7.01 7.40
C SER A 187 -12.88 -7.57 6.06
C SER A 187 -12.90 -7.57 6.05
N VAL A 188 -13.58 -8.71 6.08
CA VAL A 188 -14.06 -9.32 4.85
C VAL A 188 -15.19 -8.46 4.30
N TRP A 189 -16.06 -7.97 5.18
CA TRP A 189 -17.14 -7.09 4.75
C TRP A 189 -16.53 -5.83 4.14
N GLN A 190 -15.53 -5.30 4.81
CA GLN A 190 -14.88 -4.08 4.36
C GLN A 190 -14.13 -4.20 3.06
N GLN A 191 -13.69 -5.41 2.72
CA GLN A 191 -12.94 -5.61 1.48
C GLN A 191 -13.83 -6.09 0.33
N THR A 192 -15.13 -6.09 0.55
CA THR A 192 -16.07 -6.48 -0.48
C THR A 192 -16.29 -5.25 -1.34
N THR A 193 -16.17 -5.41 -2.66
CA THR A 193 -16.37 -4.28 -3.55
C THR A 193 -17.71 -3.60 -3.27
N GLY A 194 -17.67 -2.27 -3.20
CA GLY A 194 -18.87 -1.51 -2.92
C GLY A 194 -19.06 -1.23 -1.44
N SER A 195 -18.13 -1.72 -0.61
CA SER A 195 -18.22 -1.51 0.82
C SER A 195 -18.06 -0.04 1.19
N ALA A 196 -18.51 0.30 2.39
CA ALA A 196 -18.40 1.68 2.87
C ALA A 196 -16.92 2.05 2.97
N LEU A 197 -16.10 1.11 3.42
CA LEU A 197 -14.67 1.38 3.57
C LEU A 197 -13.96 1.68 2.24
N THR A 198 -14.17 0.83 1.23
CA THR A 198 -13.51 1.07 -0.05
C THR A 198 -14.07 2.33 -0.70
N THR A 199 -15.34 2.63 -0.45
CA THR A 199 -15.95 3.84 -1.00
C THR A 199 -15.28 5.06 -0.38
N ALA A 200 -15.09 5.00 0.94
CA ALA A 200 -14.46 6.10 1.67
C ALA A 200 -13.03 6.35 1.20
N LEU A 201 -12.26 5.28 0.98
CA LEU A 201 -10.89 5.44 0.53
C LEU A 201 -10.84 6.18 -0.81
N ARG A 202 -11.69 5.76 -1.74
CA ARG A 202 -11.76 6.36 -3.06
C ARG A 202 -12.20 7.83 -2.97
N ASN A 203 -13.28 8.08 -2.23
CA ASN A 203 -13.82 9.42 -2.10
C ASN A 203 -12.91 10.41 -1.40
N ALA A 204 -11.98 9.89 -0.59
CA ALA A 204 -11.04 10.74 0.12
C ALA A 204 -9.78 10.97 -0.71
N GLY A 205 -9.71 10.34 -1.89
CA GLY A 205 -8.56 10.51 -2.76
C GLY A 205 -7.50 9.44 -2.65
N GLY A 206 -7.82 8.36 -1.96
CA GLY A 206 -6.88 7.28 -1.75
C GLY A 206 -6.49 6.38 -2.91
N LEU A 207 -7.08 6.58 -4.09
CA LEU A 207 -6.72 5.74 -5.22
C LEU A 207 -5.62 6.36 -6.07
N THR A 208 -5.02 7.42 -5.54
CA THR A 208 -3.88 8.07 -6.19
C THR A 208 -2.74 7.85 -5.20
N GLN A 209 -1.56 7.50 -5.68
CA GLN A 209 -0.47 7.24 -4.75
C GLN A 209 -0.13 8.47 -3.92
N ILE A 210 0.31 8.23 -2.69
CA ILE A 210 0.67 9.29 -1.76
C ILE A 210 2.19 9.33 -1.62
N VAL A 211 2.81 8.16 -1.57
CA VAL A 211 4.27 8.05 -1.53
C VAL A 211 4.61 7.22 -2.77
N PRO A 212 5.89 7.18 -3.20
CA PRO A 212 6.26 6.39 -4.38
C PRO A 212 5.78 4.95 -4.16
N THR A 213 4.88 4.50 -5.02
CA THR A 213 4.30 3.17 -4.86
C THR A 213 4.40 2.27 -6.08
N THR A 214 4.61 0.99 -5.83
CA THR A 214 4.68 -0.01 -6.89
C THR A 214 3.63 -1.05 -6.50
N ASN A 215 2.76 -1.38 -7.45
CA ASN A 215 1.73 -2.38 -7.22
C ASN A 215 1.93 -3.53 -8.18
N LEU A 216 2.25 -4.70 -7.64
N LEU A 216 2.26 -4.70 -7.65
CA LEU A 216 2.46 -5.89 -8.46
CA LEU A 216 2.46 -5.89 -8.49
C LEU A 216 1.25 -6.79 -8.28
C LEU A 216 1.27 -6.80 -8.29
N TYR A 217 0.60 -7.15 -9.38
CA TYR A 217 -0.57 -8.02 -9.29
C TYR A 217 -0.74 -8.91 -10.51
N SER A 218 -1.71 -9.82 -10.42
CA SER A 218 -1.95 -10.78 -11.50
C SER A 218 -3.40 -10.85 -11.95
N ALA A 219 -3.60 -10.99 -13.25
CA ALA A 219 -4.94 -11.10 -13.81
C ALA A 219 -5.58 -12.41 -13.37
N THR A 220 -4.76 -13.38 -12.98
CA THR A 220 -5.27 -14.68 -12.54
C THR A 220 -5.40 -14.81 -11.03
N ASP A 221 -5.46 -13.68 -10.34
CA ASP A 221 -5.62 -13.67 -8.89
C ASP A 221 -6.97 -14.31 -8.58
N GLU A 222 -6.99 -15.36 -7.77
CA GLU A 222 -8.24 -16.05 -7.45
C GLU A 222 -8.97 -15.50 -6.22
N ILE A 223 -8.38 -14.48 -5.60
CA ILE A 223 -8.98 -13.87 -4.41
C ILE A 223 -9.44 -12.43 -4.68
N VAL A 224 -8.59 -11.68 -5.36
CA VAL A 224 -8.89 -10.29 -5.69
C VAL A 224 -9.20 -10.07 -7.16
N GLN A 225 -10.41 -9.58 -7.44
CA GLN A 225 -10.84 -9.28 -8.81
C GLN A 225 -11.75 -8.05 -8.75
N PRO A 226 -11.85 -7.29 -9.87
CA PRO A 226 -11.20 -7.49 -11.17
C PRO A 226 -9.76 -6.99 -11.22
N GLN A 227 -8.93 -7.74 -11.94
CA GLN A 227 -7.50 -7.44 -12.10
C GLN A 227 -7.08 -7.73 -13.55
N VAL A 228 -8.07 -7.92 -14.41
CA VAL A 228 -7.77 -8.36 -15.79
C VAL A 228 -7.52 -7.29 -16.87
N SER A 229 -7.83 -6.03 -16.61
CA SER A 229 -7.67 -4.99 -17.62
C SER A 229 -6.34 -4.27 -17.81
N ASN A 230 -5.44 -4.37 -16.83
CA ASN A 230 -4.16 -3.67 -16.90
C ASN A 230 -4.49 -2.18 -17.10
N SER A 231 -5.43 -1.70 -16.29
CA SER A 231 -5.88 -0.31 -16.37
C SER A 231 -6.43 0.15 -15.02
N PRO A 232 -6.89 1.40 -14.93
CA PRO A 232 -7.45 1.93 -13.67
C PRO A 232 -8.61 1.14 -13.09
N LEU A 233 -9.22 0.27 -13.89
CA LEU A 233 -10.34 -0.54 -13.40
C LEU A 233 -9.87 -1.64 -12.43
N ASP A 234 -8.60 -2.02 -12.53
CA ASP A 234 -8.07 -3.07 -11.66
C ASP A 234 -8.04 -2.65 -10.20
N SER A 235 -8.34 -3.59 -9.31
CA SER A 235 -8.35 -3.28 -7.88
C SER A 235 -6.99 -2.85 -7.32
N SER A 236 -5.90 -3.34 -7.90
CA SER A 236 -4.55 -3.00 -7.42
C SER A 236 -3.95 -1.71 -8.00
N TYR A 237 -4.67 -1.06 -8.89
CA TYR A 237 -4.18 0.15 -9.55
C TYR A 237 -4.26 1.46 -8.76
N LEU A 238 -3.16 2.22 -8.79
CA LEU A 238 -3.13 3.54 -8.14
C LEU A 238 -2.63 4.55 -9.16
N PHE A 239 -3.32 5.69 -9.26
CA PHE A 239 -2.91 6.73 -10.20
C PHE A 239 -1.51 7.24 -9.83
N ASN A 240 -0.65 7.37 -10.84
CA ASN A 240 0.73 7.83 -10.68
C ASN A 240 1.65 6.75 -10.10
N GLY A 241 1.07 5.61 -9.76
CA GLY A 241 1.90 4.54 -9.22
C GLY A 241 2.52 3.72 -10.33
N LYS A 242 3.45 2.85 -9.97
CA LYS A 242 4.08 1.97 -10.94
C LYS A 242 3.23 0.71 -10.83
N ASN A 243 2.24 0.59 -11.70
CA ASN A 243 1.32 -0.54 -11.70
C ASN A 243 1.82 -1.62 -12.64
N VAL A 244 2.17 -2.75 -12.05
CA VAL A 244 2.71 -3.88 -12.81
C VAL A 244 1.82 -5.11 -12.76
N GLN A 245 1.04 -5.32 -13.83
CA GLN A 245 0.21 -6.49 -13.93
C GLN A 245 1.13 -7.53 -14.57
N ALA A 246 1.35 -8.64 -13.88
CA ALA A 246 2.25 -9.69 -14.36
C ALA A 246 2.11 -10.06 -15.83
N GLN A 247 0.88 -10.29 -16.28
CA GLN A 247 0.63 -10.70 -17.66
C GLN A 247 0.95 -9.65 -18.72
N ALA A 248 0.96 -8.37 -18.35
CA ALA A 248 1.28 -7.32 -19.32
C ALA A 248 2.75 -7.44 -19.73
N VAL A 249 3.55 -7.97 -18.82
CA VAL A 249 4.98 -8.15 -19.05
C VAL A 249 5.30 -9.55 -19.54
N CYS A 250 4.65 -10.53 -18.92
CA CYS A 250 4.90 -11.94 -19.21
C CYS A 250 3.97 -12.68 -20.18
N GLY A 251 2.88 -12.04 -20.60
CA GLY A 251 1.96 -12.70 -21.51
C GLY A 251 0.87 -13.45 -20.78
N PRO A 252 -0.20 -13.86 -21.49
CA PRO A 252 -1.34 -14.60 -20.93
C PRO A 252 -1.09 -16.01 -20.40
N LEU A 253 0.06 -16.60 -20.71
CA LEU A 253 0.36 -17.94 -20.22
C LEU A 253 1.05 -17.88 -18.86
N PHE A 254 1.44 -16.69 -18.43
CA PHE A 254 2.10 -16.54 -17.15
C PHE A 254 1.02 -16.55 -16.09
N VAL A 255 0.98 -17.60 -15.29
CA VAL A 255 -0.02 -17.74 -14.25
C VAL A 255 0.57 -17.79 -12.85
N ILE A 256 0.24 -16.78 -12.05
CA ILE A 256 0.63 -16.76 -10.66
C ILE A 256 -0.64 -16.37 -9.95
N ASP A 257 -0.95 -17.06 -8.87
CA ASP A 257 -2.17 -16.76 -8.14
C ASP A 257 -1.97 -15.67 -7.12
N HIS A 258 -2.92 -15.53 -6.20
CA HIS A 258 -2.84 -14.49 -5.18
C HIS A 258 -1.56 -14.54 -4.34
N ALA A 259 -1.20 -15.71 -3.83
CA ALA A 259 0.00 -15.84 -3.03
C ALA A 259 1.24 -15.78 -3.91
N GLY A 260 1.13 -16.31 -5.13
CA GLY A 260 2.25 -16.28 -6.05
C GLY A 260 2.64 -14.84 -6.36
N SER A 261 1.66 -13.94 -6.30
CA SER A 261 1.91 -12.53 -6.56
C SER A 261 2.91 -11.97 -5.56
N LEU A 262 2.95 -12.58 -4.37
CA LEU A 262 3.86 -12.15 -3.33
C LEU A 262 5.19 -12.89 -3.35
N THR A 263 5.12 -14.20 -3.60
CA THR A 263 6.30 -15.07 -3.50
C THR A 263 7.07 -15.49 -4.77
N SER A 264 6.53 -15.26 -5.96
CA SER A 264 7.22 -15.69 -7.18
C SER A 264 8.56 -15.00 -7.42
N GLN A 265 9.38 -15.61 -8.28
CA GLN A 265 10.67 -15.04 -8.63
C GLN A 265 10.43 -13.71 -9.33
N PHE A 266 9.41 -13.65 -10.18
CA PHE A 266 9.07 -12.42 -10.88
C PHE A 266 8.79 -11.32 -9.86
N SER A 267 8.01 -11.67 -8.83
CA SER A 267 7.66 -10.73 -7.79
C SER A 267 8.89 -10.25 -7.04
N TYR A 268 9.85 -11.14 -6.84
CA TYR A 268 11.08 -10.77 -6.14
C TYR A 268 11.89 -9.76 -6.94
N VAL A 269 12.02 -9.99 -8.24
CA VAL A 269 12.78 -9.09 -9.10
C VAL A 269 12.15 -7.70 -9.11
N VAL A 270 10.82 -7.65 -9.18
CA VAL A 270 10.13 -6.37 -9.19
C VAL A 270 10.25 -5.70 -7.83
N GLY A 271 10.07 -6.48 -6.77
CA GLY A 271 10.17 -5.94 -5.42
C GLY A 271 11.56 -5.41 -5.13
N ARG A 272 12.57 -6.17 -5.53
CA ARG A 272 13.95 -5.77 -5.32
C ARG A 272 14.22 -4.46 -6.07
N SER A 273 13.69 -4.36 -7.28
CA SER A 273 13.86 -3.16 -8.09
C SER A 273 13.25 -1.95 -7.36
N ALA A 274 12.04 -2.14 -6.83
CA ALA A 274 11.36 -1.06 -6.13
C ALA A 274 12.12 -0.62 -4.89
N LEU A 275 12.65 -1.59 -4.14
CA LEU A 275 13.38 -1.29 -2.91
C LEU A 275 14.69 -0.55 -3.15
N ARG A 276 15.36 -0.81 -4.27
CA ARG A 276 16.63 -0.14 -4.52
C ARG A 276 16.55 1.08 -5.43
N SER A 277 15.40 1.28 -6.05
CA SER A 277 15.20 2.41 -6.96
C SER A 277 15.34 3.77 -6.29
N THR A 278 16.02 4.70 -6.95
CA THR A 278 16.18 6.03 -6.41
C THR A 278 14.91 6.84 -6.58
N THR A 279 13.98 6.32 -7.39
CA THR A 279 12.70 7.00 -7.61
C THR A 279 11.67 6.50 -6.62
N GLY A 280 11.97 5.37 -5.97
CA GLY A 280 11.04 4.82 -5.00
C GLY A 280 10.07 3.85 -5.64
N GLN A 281 10.16 3.69 -6.96
CA GLN A 281 9.28 2.78 -7.70
C GLN A 281 10.12 1.81 -8.52
N ALA A 282 9.58 0.62 -8.78
CA ALA A 282 10.29 -0.36 -9.59
C ALA A 282 10.50 0.25 -10.97
N ARG A 283 11.59 -0.14 -11.63
CA ARG A 283 11.90 0.38 -12.97
C ARG A 283 11.83 -0.72 -14.02
N SER A 284 11.17 -0.43 -15.13
CA SER A 284 11.01 -1.41 -16.21
C SER A 284 12.33 -1.98 -16.69
N ALA A 285 13.39 -1.19 -16.61
CA ALA A 285 14.71 -1.64 -17.07
C ALA A 285 15.30 -2.75 -16.19
N ASP A 286 14.73 -2.95 -15.00
CA ASP A 286 15.23 -3.97 -14.09
C ASP A 286 14.60 -5.35 -14.24
N TYR A 287 13.58 -5.47 -15.06
CA TYR A 287 12.94 -6.77 -15.24
C TYR A 287 12.47 -6.98 -16.68
N GLY A 288 12.41 -8.25 -17.07
CA GLY A 288 11.98 -8.57 -18.42
C GLY A 288 11.49 -10.00 -18.49
N ILE A 289 11.32 -10.46 -19.72
CA ILE A 289 10.83 -11.80 -19.99
C ILE A 289 11.58 -12.93 -19.25
N THR A 290 12.88 -12.75 -19.05
N THR A 290 12.87 -12.73 -19.05
CA THR A 290 13.65 -13.78 -18.38
CA THR A 290 13.70 -13.72 -18.36
C THR A 290 13.29 -13.90 -16.89
C THR A 290 13.31 -13.90 -16.90
N ASP A 291 12.70 -12.85 -16.34
CA ASP A 291 12.30 -12.87 -14.94
C ASP A 291 10.89 -13.40 -14.76
N CYS A 292 10.24 -13.75 -15.86
CA CYS A 292 8.89 -14.28 -15.81
C CYS A 292 8.92 -15.72 -15.37
N ASN A 293 9.29 -15.91 -14.10
CA ASN A 293 9.41 -17.22 -13.47
C ASN A 293 8.38 -17.30 -12.35
N PRO A 294 7.44 -18.26 -12.44
CA PRO A 294 6.40 -18.43 -11.42
C PRO A 294 6.84 -19.17 -10.16
N LEU A 295 8.02 -19.76 -10.20
CA LEU A 295 8.55 -20.50 -9.05
C LEU A 295 8.87 -19.56 -7.89
N PRO A 296 8.82 -20.08 -6.65
CA PRO A 296 9.11 -19.27 -5.46
C PRO A 296 10.53 -18.71 -5.49
N ALA A 297 10.68 -17.45 -5.12
CA ALA A 297 11.99 -16.80 -5.11
C ALA A 297 12.88 -17.32 -4.00
N ASN A 298 12.33 -17.46 -2.80
CA ASN A 298 13.10 -17.94 -1.67
C ASN A 298 13.54 -19.39 -1.85
N ASP A 299 13.01 -20.05 -2.87
CA ASP A 299 13.35 -21.43 -3.15
C ASP A 299 14.85 -21.56 -3.43
#